data_3MIW
#
_entry.id   3MIW
#
_cell.length_a   63.463
_cell.length_b   63.463
_cell.length_c   123.209
_cell.angle_alpha   90.00
_cell.angle_beta   90.00
_cell.angle_gamma   90.00
#
_symmetry.space_group_name_H-M   'P 42'
#
loop_
_entity.id
_entity.type
_entity.pdbx_description
1 polymer 'Non-structural glycoprotein 4'
2 non-polymer 1,2-ETHANEDIOL
3 water water
#
_entity_poly.entity_id   1
_entity_poly.type   'polypeptide(L)'
_entity_poly.pdbx_seq_one_letter_code
;MIEQQMDRIVKEMRRQLEMIDKLTTREIEQIELLKRIHDNLITRPVNVIDMSM
;
_entity_poly.pdbx_strand_id   B,C,E,G,I,A,D,F,H,J
#
# COMPACT_ATOMS: atom_id res chain seq x y z
N MET A 1 11.53 -31.80 4.21
CA MET A 1 12.43 -31.17 3.20
C MET A 1 11.58 -30.31 2.30
N ILE A 2 11.89 -30.28 1.02
CA ILE A 2 11.12 -29.47 0.08
C ILE A 2 9.70 -30.02 -0.13
N GLU A 3 9.59 -31.33 -0.23
CA GLU A 3 8.29 -31.96 -0.42
C GLU A 3 7.41 -31.69 0.80
N GLN A 4 8.00 -31.77 1.97
CA GLN A 4 7.26 -31.55 3.20
C GLN A 4 6.66 -30.14 3.21
N GLN A 5 7.47 -29.18 2.76
CA GLN A 5 7.05 -27.80 2.74
C GLN A 5 5.92 -27.50 1.78
N MET A 6 5.94 -28.13 0.61
CA MET A 6 4.90 -27.92 -0.40
C MET A 6 3.48 -28.26 0.06
N ASP A 7 3.35 -29.21 0.98
CA ASP A 7 2.05 -29.61 1.52
C ASP A 7 1.49 -28.47 2.33
N ARG A 8 2.27 -27.94 3.25
CA ARG A 8 1.82 -26.81 4.04
C ARG A 8 1.19 -25.81 3.09
N ILE A 9 1.82 -25.65 1.94
CA ILE A 9 1.38 -24.75 0.88
C ILE A 9 -0.02 -25.17 0.42
N VAL A 10 -0.17 -26.48 0.17
CA VAL A 10 -1.44 -27.08 -0.27
C VAL A 10 -2.53 -26.85 0.80
N LYS A 11 -2.20 -27.10 2.07
CA LYS A 11 -3.16 -26.90 3.13
C LYS A 11 -3.51 -25.42 3.27
N GLU A 12 -2.50 -24.57 3.06
CA GLU A 12 -2.67 -23.12 3.14
C GLU A 12 -3.38 -22.61 1.89
N MET A 13 -3.38 -23.41 0.83
CA MET A 13 -4.06 -23.04 -0.40
C MET A 13 -5.52 -23.43 -0.30
N ARG A 14 -5.80 -24.36 0.62
CA ARG A 14 -7.16 -24.83 0.85
C ARG A 14 -7.80 -24.07 2.00
N ARG A 15 -6.97 -23.64 2.95
CA ARG A 15 -7.47 -22.90 4.10
C ARG A 15 -7.68 -21.45 3.66
N GLN A 16 -7.13 -21.09 2.50
CA GLN A 16 -7.25 -19.76 1.95
C GLN A 16 -8.48 -19.74 1.06
N LEU A 17 -8.48 -20.60 0.05
CA LEU A 17 -9.61 -20.74 -0.86
C LEU A 17 -10.83 -21.08 -0.02
N GLU A 18 -10.61 -21.80 1.07
CA GLU A 18 -11.69 -22.17 1.96
C GLU A 18 -12.27 -20.89 2.55
N MET A 19 -11.38 -19.99 2.95
CA MET A 19 -11.75 -18.71 3.50
C MET A 19 -12.58 -17.89 2.51
N ILE A 20 -12.24 -17.96 1.23
CA ILE A 20 -12.97 -17.22 0.20
C ILE A 20 -14.41 -17.72 -0.05
N ASP A 21 -14.67 -19.02 0.13
CA ASP A 21 -16.03 -19.49 -0.07
C ASP A 21 -16.84 -18.78 0.98
N LYS A 22 -16.27 -18.71 2.18
CA LYS A 22 -16.92 -18.07 3.30
C LYS A 22 -17.24 -16.61 3.01
N LEU A 23 -16.26 -15.89 2.47
CA LEU A 23 -16.41 -14.47 2.14
C LEU A 23 -17.45 -14.24 1.05
N THR A 24 -17.41 -15.06 0.00
CA THR A 24 -18.37 -14.92 -1.07
C THR A 24 -19.77 -15.10 -0.49
N THR A 25 -19.87 -15.75 0.67
CA THR A 25 -21.16 -15.95 1.33
C THR A 25 -21.68 -14.60 1.86
N ARG A 26 -20.78 -13.76 2.39
CA ARG A 26 -21.17 -12.44 2.91
C ARG A 26 -21.61 -11.58 1.75
N GLU A 27 -20.83 -11.62 0.67
CA GLU A 27 -21.13 -10.85 -0.53
C GLU A 27 -22.57 -11.08 -0.97
N ILE A 28 -23.01 -12.32 -0.88
CA ILE A 28 -24.37 -12.70 -1.27
C ILE A 28 -25.37 -12.21 -0.22
N GLU A 29 -24.94 -12.07 1.02
CA GLU A 29 -25.84 -11.59 2.06
C GLU A 29 -26.11 -10.12 1.83
N GLN A 30 -25.05 -9.38 1.50
CA GLN A 30 -25.20 -7.95 1.24
C GLN A 30 -26.10 -7.68 0.06
N ILE A 31 -25.91 -8.44 -1.01
CA ILE A 31 -26.73 -8.24 -2.20
C ILE A 31 -28.20 -8.45 -1.87
N GLU A 32 -28.53 -9.44 -1.07
CA GLU A 32 -29.93 -9.60 -0.79
C GLU A 32 -30.43 -8.44 0.06
N LEU A 33 -29.61 -7.95 0.98
CA LEU A 33 -30.05 -6.82 1.77
C LEU A 33 -30.25 -5.62 0.85
N LEU A 34 -29.27 -5.36 -0.02
CA LEU A 34 -29.40 -4.24 -0.95
C LEU A 34 -30.74 -4.25 -1.66
N LYS A 35 -31.13 -5.40 -2.23
CA LYS A 35 -32.40 -5.57 -2.96
C LYS A 35 -33.61 -5.36 -2.05
N ARG A 36 -33.46 -5.76 -0.78
CA ARG A 36 -34.51 -5.62 0.20
C ARG A 36 -34.71 -4.14 0.51
N ILE A 37 -33.62 -3.37 0.45
CA ILE A 37 -33.64 -1.93 0.70
C ILE A 37 -34.20 -1.16 -0.51
N HIS A 38 -33.84 -1.58 -1.72
CA HIS A 38 -34.33 -0.93 -2.92
C HIS A 38 -35.84 -1.00 -3.10
N ASP A 39 -36.41 -2.17 -2.84
CA ASP A 39 -37.85 -2.37 -2.98
C ASP A 39 -38.57 -1.48 -1.93
N ASN A 40 -37.99 -1.42 -0.73
CA ASN A 40 -38.51 -0.60 0.35
C ASN A 40 -38.27 0.89 0.05
N LEU A 41 -37.80 1.16 -1.17
CA LEU A 41 -37.52 2.51 -1.63
C LEU A 41 -38.51 2.98 -2.67
N ILE A 42 -38.91 2.06 -3.54
CA ILE A 42 -39.88 2.36 -4.57
C ILE A 42 -41.08 3.02 -3.90
N THR A 43 -41.46 2.54 -2.71
CA THR A 43 -42.60 3.07 -1.95
C THR A 43 -42.26 4.41 -1.27
N ARG A 44 -41.33 4.33 -0.30
CA ARG A 44 -40.84 5.49 0.45
C ARG A 44 -40.08 5.07 1.69
N MET B 1 19.68 -24.35 0.98
CA MET B 1 18.59 -25.37 1.07
C MET B 1 17.49 -25.13 0.02
N ILE B 2 17.12 -23.87 -0.19
CA ILE B 2 16.05 -23.49 -1.13
C ILE B 2 14.69 -23.71 -0.48
N GLU B 3 14.70 -24.21 0.76
CA GLU B 3 13.46 -24.39 1.55
C GLU B 3 13.51 -23.04 2.26
N GLN B 4 14.60 -22.36 1.93
CA GLN B 4 14.95 -21.04 2.41
C GLN B 4 13.94 -20.06 1.86
N GLN B 5 13.55 -20.32 0.61
CA GLN B 5 12.57 -19.50 -0.09
C GLN B 5 11.17 -20.09 0.08
N MET B 6 11.12 -21.33 0.57
CA MET B 6 9.86 -22.03 0.79
C MET B 6 9.27 -21.52 2.08
N ASP B 7 10.12 -21.28 3.06
CA ASP B 7 9.64 -20.81 4.34
C ASP B 7 9.16 -19.36 4.31
N ARG B 8 9.82 -18.50 3.54
CA ARG B 8 9.40 -17.09 3.45
C ARG B 8 8.00 -16.95 2.85
N ILE B 9 7.71 -17.78 1.84
CA ILE B 9 6.41 -17.82 1.16
C ILE B 9 5.29 -18.43 2.12
N VAL B 10 5.49 -19.56 2.85
CA VAL B 10 4.48 -19.97 3.88
C VAL B 10 4.01 -18.95 4.59
N LYS B 11 5.01 -18.31 5.12
CA LYS B 11 4.70 -17.28 6.01
C LYS B 11 3.85 -16.27 5.35
N GLU B 12 4.17 -16.07 4.09
CA GLU B 12 3.41 -15.15 3.29
C GLU B 12 1.92 -15.54 3.18
N MET B 13 1.64 -16.71 2.63
CA MET B 13 0.26 -17.18 2.43
C MET B 13 -0.65 -17.13 3.65
N ARG B 14 -0.04 -17.14 4.83
CA ARG B 14 -0.78 -17.09 6.08
C ARG B 14 -1.11 -15.65 6.40
N ARG B 15 -0.32 -14.74 5.84
CA ARG B 15 -0.54 -13.30 6.00
C ARG B 15 -1.71 -13.01 5.08
N GLN B 16 -1.57 -13.43 3.83
CA GLN B 16 -2.60 -13.28 2.79
C GLN B 16 -3.89 -13.78 3.40
N LEU B 17 -3.83 -14.96 4.01
CA LEU B 17 -4.98 -15.57 4.64
C LEU B 17 -5.55 -14.81 5.85
N GLU B 18 -4.69 -14.25 6.71
CA GLU B 18 -5.18 -13.52 7.88
C GLU B 18 -5.74 -12.14 7.53
N MET B 19 -5.37 -11.62 6.36
CA MET B 19 -5.89 -10.33 5.89
C MET B 19 -7.29 -10.67 5.38
N ILE B 20 -7.38 -11.67 4.49
CA ILE B 20 -8.66 -12.14 3.97
C ILE B 20 -9.55 -12.31 5.20
N ASP B 21 -9.06 -13.07 6.17
CA ASP B 21 -9.81 -13.31 7.39
C ASP B 21 -10.40 -12.00 7.89
N LYS B 22 -9.54 -11.05 8.23
CA LYS B 22 -9.98 -9.75 8.74
C LYS B 22 -10.89 -9.00 7.76
N LEU B 23 -10.67 -9.19 6.46
CA LEU B 23 -11.48 -8.52 5.43
C LEU B 23 -12.90 -9.04 5.52
N THR B 24 -13.02 -10.32 5.88
CA THR B 24 -14.32 -10.95 6.04
C THR B 24 -15.05 -10.29 7.22
N THR B 25 -14.34 -9.92 8.28
CA THR B 25 -15.00 -9.29 9.42
C THR B 25 -15.55 -7.93 9.04
N ARG B 26 -14.99 -7.34 7.99
CA ARG B 26 -15.47 -6.04 7.54
C ARG B 26 -16.68 -6.24 6.62
N GLU B 27 -16.83 -7.44 6.07
CA GLU B 27 -17.94 -7.74 5.20
C GLU B 27 -19.19 -8.02 6.01
N ILE B 28 -19.02 -8.69 7.13
CA ILE B 28 -20.12 -9.03 8.04
C ILE B 28 -20.63 -7.80 8.83
N GLU B 29 -19.73 -6.87 9.09
CA GLU B 29 -20.10 -5.68 9.82
C GLU B 29 -21.00 -4.90 8.92
N GLN B 30 -20.68 -4.89 7.63
CA GLN B 30 -21.46 -4.16 6.65
C GLN B 30 -22.89 -4.67 6.59
N ILE B 31 -23.11 -5.88 7.10
CA ILE B 31 -24.43 -6.48 7.13
C ILE B 31 -25.23 -5.89 8.32
N GLU B 32 -24.66 -5.98 9.52
CA GLU B 32 -25.30 -5.45 10.72
C GLU B 32 -25.74 -4.05 10.41
N LEU B 33 -24.94 -3.37 9.61
CA LEU B 33 -25.22 -2.00 9.20
C LEU B 33 -26.30 -1.91 8.12
N LEU B 34 -26.25 -2.79 7.11
CA LEU B 34 -27.27 -2.80 6.07
C LEU B 34 -28.60 -3.21 6.64
N LYS B 35 -28.58 -4.10 7.62
CA LYS B 35 -29.81 -4.52 8.26
C LYS B 35 -30.44 -3.40 9.10
N ARG B 36 -29.63 -2.65 9.84
CA ARG B 36 -30.13 -1.54 10.67
C ARG B 36 -30.57 -0.33 9.82
N ILE B 37 -30.25 -0.40 8.52
CA ILE B 37 -30.58 0.63 7.54
C ILE B 37 -31.77 0.20 6.70
N HIS B 38 -31.96 -1.11 6.57
CA HIS B 38 -33.11 -1.61 5.81
C HIS B 38 -34.30 -1.49 6.74
N ASP B 39 -34.04 -1.43 8.05
CA ASP B 39 -35.07 -1.35 9.07
C ASP B 39 -35.51 0.06 9.45
N ASN B 40 -34.62 1.04 9.23
CA ASN B 40 -34.95 2.41 9.56
C ASN B 40 -35.83 2.99 8.46
N LEU B 41 -35.82 2.35 7.29
CA LEU B 41 -36.63 2.79 6.18
C LEU B 41 -38.06 2.28 6.35
N ILE B 42 -38.25 1.32 7.27
CA ILE B 42 -39.54 0.69 7.57
C ILE B 42 -40.32 1.42 8.67
N THR B 43 -39.65 1.76 9.77
CA THR B 43 -40.27 2.50 10.87
C THR B 43 -40.66 3.91 10.36
N ARG B 44 -39.75 4.52 9.58
CA ARG B 44 -39.97 5.84 8.98
C ARG B 44 -40.49 5.59 7.58
N PRO B 45 -41.81 5.64 7.49
CA PRO B 45 -42.44 5.38 6.24
C PRO B 45 -42.36 6.53 5.30
N VAL B 46 -42.44 7.78 5.81
CA VAL B 46 -42.35 9.05 5.05
C VAL B 46 -41.90 9.00 3.61
N MET C 1 17.25 -20.31 -13.21
CA MET C 1 17.30 -21.53 -12.34
C MET C 1 16.00 -21.65 -11.52
N ILE C 2 15.48 -22.87 -11.43
CA ILE C 2 14.26 -23.12 -10.66
C ILE C 2 14.24 -22.42 -9.29
N GLU C 3 15.36 -22.36 -8.56
CA GLU C 3 15.37 -21.64 -7.27
C GLU C 3 15.03 -20.21 -7.59
N GLN C 4 15.49 -19.76 -8.76
CA GLN C 4 15.26 -18.40 -9.21
C GLN C 4 13.81 -18.06 -9.57
N GLN C 5 13.07 -18.97 -10.22
CA GLN C 5 11.67 -18.75 -10.57
C GLN C 5 10.96 -18.39 -9.28
N MET C 6 11.35 -19.08 -8.22
CA MET C 6 10.74 -18.87 -6.90
C MET C 6 10.70 -17.43 -6.45
N ASP C 7 11.74 -16.66 -6.78
CA ASP C 7 11.79 -15.24 -6.42
C ASP C 7 10.68 -14.51 -7.16
N ARG C 8 10.28 -15.05 -8.31
CA ARG C 8 9.19 -14.47 -9.12
C ARG C 8 7.86 -14.74 -8.40
N ILE C 9 7.77 -15.90 -7.76
CA ILE C 9 6.60 -16.31 -6.99
C ILE C 9 6.43 -15.50 -5.71
N VAL C 10 7.50 -15.40 -4.93
CA VAL C 10 7.45 -14.62 -3.68
C VAL C 10 7.08 -13.19 -4.07
N LYS C 11 7.78 -12.62 -5.06
CA LYS C 11 7.50 -11.25 -5.51
C LYS C 11 6.01 -11.13 -5.88
N GLU C 12 5.58 -11.91 -6.86
CA GLU C 12 4.17 -11.87 -7.30
C GLU C 12 3.21 -12.10 -6.14
N MET C 13 3.70 -12.73 -5.08
CA MET C 13 2.88 -12.99 -3.90
C MET C 13 2.73 -11.73 -3.09
N ARG C 14 3.82 -10.97 -3.00
CA ARG C 14 3.81 -9.72 -2.26
C ARG C 14 3.09 -8.69 -3.11
N ARG C 15 2.85 -9.00 -4.38
CA ARG C 15 2.13 -8.11 -5.29
C ARG C 15 0.65 -8.35 -5.03
N GLN C 16 0.35 -9.51 -4.45
CA GLN C 16 -1.00 -9.89 -4.07
C GLN C 16 -1.35 -9.15 -2.80
N LEU C 17 -0.56 -9.41 -1.75
CA LEU C 17 -0.74 -8.80 -0.43
C LEU C 17 -0.76 -7.28 -0.48
N GLU C 18 0.22 -6.68 -1.17
CA GLU C 18 0.29 -5.24 -1.32
C GLU C 18 -1.01 -4.72 -1.90
N MET C 19 -1.77 -5.62 -2.50
CA MET C 19 -3.03 -5.27 -3.11
C MET C 19 -4.21 -5.67 -2.23
N ILE C 20 -4.20 -6.90 -1.71
CA ILE C 20 -5.31 -7.35 -0.89
C ILE C 20 -5.37 -6.30 0.21
N ASP C 21 -4.25 -5.62 0.47
CA ASP C 21 -4.23 -4.52 1.44
C ASP C 21 -5.08 -3.36 0.87
N LYS C 22 -4.77 -2.93 -0.35
CA LYS C 22 -5.50 -1.85 -1.01
C LYS C 22 -6.98 -2.16 -1.01
N LEU C 23 -7.35 -3.40 -1.33
CA LEU C 23 -8.77 -3.82 -1.34
C LEU C 23 -9.49 -3.67 0.02
N THR C 24 -8.87 -4.20 1.07
CA THR C 24 -9.40 -4.10 2.43
C THR C 24 -9.49 -2.62 2.77
N THR C 25 -8.61 -1.82 2.20
CA THR C 25 -8.70 -0.39 2.45
C THR C 25 -10.00 0.04 1.72
N ARG C 26 -10.33 -0.60 0.58
CA ARG C 26 -11.58 -0.26 -0.13
C ARG C 26 -12.78 -0.60 0.74
N GLU C 27 -12.74 -1.78 1.35
CA GLU C 27 -13.84 -2.25 2.22
C GLU C 27 -14.16 -1.42 3.46
N ILE C 28 -13.15 -0.95 4.20
CA ILE C 28 -13.44 -0.14 5.40
C ILE C 28 -14.13 1.17 5.02
N GLU C 29 -13.69 1.77 3.92
CA GLU C 29 -14.27 3.01 3.46
C GLU C 29 -15.78 2.85 3.33
N GLN C 30 -16.22 1.64 2.96
CA GLN C 30 -17.65 1.34 2.82
C GLN C 30 -18.33 1.27 4.20
N ILE C 31 -17.65 0.64 5.15
CA ILE C 31 -18.18 0.53 6.50
C ILE C 31 -18.40 1.90 7.10
N GLU C 32 -17.45 2.82 6.88
CA GLU C 32 -17.55 4.16 7.43
C GLU C 32 -18.58 4.97 6.69
N LEU C 33 -18.78 4.67 5.40
CA LEU C 33 -19.76 5.40 4.63
C LEU C 33 -21.14 4.87 5.01
N LEU C 34 -21.19 3.66 5.55
CA LEU C 34 -22.46 3.10 5.98
C LEU C 34 -22.73 3.48 7.44
N LYS C 35 -21.74 3.35 8.33
CA LYS C 35 -21.98 3.73 9.72
C LYS C 35 -22.46 5.17 9.75
N ARG C 36 -21.91 6.02 8.87
CA ARG C 36 -22.27 7.43 8.81
C ARG C 36 -23.66 7.67 8.23
N ILE C 37 -24.00 6.94 7.18
CA ILE C 37 -25.31 7.07 6.54
C ILE C 37 -26.42 6.65 7.48
N HIS C 38 -26.19 5.51 8.14
CA HIS C 38 -27.14 4.99 9.10
C HIS C 38 -27.40 6.15 10.05
N ASP C 39 -26.35 6.65 10.68
CA ASP C 39 -26.48 7.72 11.68
C ASP C 39 -27.14 8.94 11.03
N ASN C 40 -27.21 8.97 9.69
CA ASN C 40 -27.90 10.09 9.05
C ASN C 40 -29.39 9.74 9.22
N LEU C 41 -29.83 8.62 8.64
CA LEU C 41 -31.24 8.19 8.73
C LEU C 41 -31.71 8.05 10.17
N ILE C 42 -30.78 7.91 11.10
CA ILE C 42 -31.11 7.77 12.52
C ILE C 42 -31.78 9.02 13.10
N THR C 43 -31.44 10.17 12.52
CA THR C 43 -32.00 11.45 12.94
C THR C 43 -33.10 11.84 11.92
N ARG C 44 -33.45 10.86 11.08
CA ARG C 44 -34.45 11.00 10.01
C ARG C 44 -33.88 11.83 8.86
N MET D 1 8.93 -31.51 -15.42
CA MET D 1 8.58 -30.15 -15.87
C MET D 1 8.74 -29.21 -14.69
N ILE D 2 9.51 -29.59 -13.67
CA ILE D 2 9.70 -28.74 -12.48
C ILE D 2 9.87 -27.28 -12.85
N GLU D 3 10.96 -26.96 -13.55
CA GLU D 3 11.20 -25.58 -13.98
C GLU D 3 10.12 -25.04 -14.92
N GLN D 4 9.40 -25.95 -15.59
CA GLN D 4 8.34 -25.56 -16.51
C GLN D 4 7.00 -25.46 -15.81
N GLN D 5 6.88 -26.17 -14.69
CA GLN D 5 5.65 -26.15 -13.90
C GLN D 5 5.77 -24.90 -13.07
N MET D 6 6.96 -24.33 -13.10
CA MET D 6 7.28 -23.11 -12.36
C MET D 6 6.55 -21.89 -12.93
N ASP D 7 6.62 -21.75 -14.25
CA ASP D 7 5.97 -20.65 -14.93
C ASP D 7 4.48 -20.79 -15.00
N ARG D 8 4.01 -22.04 -15.15
CA ARG D 8 2.59 -22.24 -15.26
C ARG D 8 2.03 -21.70 -13.95
N ILE D 9 2.78 -21.91 -12.87
CA ILE D 9 2.41 -21.43 -11.52
C ILE D 9 2.46 -19.89 -11.37
N VAL D 10 3.55 -19.29 -11.84
CA VAL D 10 3.76 -17.84 -11.78
C VAL D 10 2.72 -17.17 -12.65
N LYS D 11 2.30 -17.88 -13.69
CA LYS D 11 1.27 -17.39 -14.60
C LYS D 11 -0.02 -17.11 -13.83
N GLU D 12 -0.52 -18.12 -13.12
CA GLU D 12 -1.76 -18.01 -12.35
C GLU D 12 -1.69 -16.95 -11.26
N MET D 13 -0.47 -16.51 -10.94
CA MET D 13 -0.29 -15.48 -9.93
C MET D 13 -0.48 -14.09 -10.54
N ARG D 14 -0.42 -14.02 -11.87
CA ARG D 14 -0.60 -12.75 -12.57
C ARG D 14 -2.03 -12.64 -13.05
N ARG D 15 -2.63 -13.80 -13.36
CA ARG D 15 -4.00 -13.88 -13.82
C ARG D 15 -4.90 -13.81 -12.59
N GLN D 16 -4.34 -14.14 -11.43
CA GLN D 16 -5.11 -14.06 -10.20
C GLN D 16 -4.87 -12.66 -9.67
N LEU D 17 -3.82 -12.02 -10.17
CA LEU D 17 -3.48 -10.66 -9.75
C LEU D 17 -4.39 -9.69 -10.49
N GLU D 18 -5.08 -10.23 -11.50
CA GLU D 18 -6.00 -9.47 -12.31
C GLU D 18 -7.39 -9.54 -11.72
N MET D 19 -7.74 -10.70 -11.21
CA MET D 19 -9.04 -10.90 -10.61
C MET D 19 -9.23 -10.03 -9.40
N ILE D 20 -8.20 -9.97 -8.58
CA ILE D 20 -8.24 -9.12 -7.39
C ILE D 20 -8.19 -7.66 -7.83
N ASP D 21 -7.32 -7.35 -8.80
CA ASP D 21 -7.21 -6.00 -9.29
C ASP D 21 -8.55 -5.48 -9.79
N LYS D 22 -9.25 -6.27 -10.60
CA LYS D 22 -10.55 -5.84 -11.10
C LYS D 22 -11.57 -5.80 -9.98
N LEU D 23 -11.67 -6.91 -9.23
CA LEU D 23 -12.58 -7.02 -8.08
C LEU D 23 -12.49 -5.76 -7.24
N THR D 24 -11.35 -5.09 -7.34
CA THR D 24 -11.06 -3.85 -6.63
C THR D 24 -11.67 -2.63 -7.35
N THR D 25 -11.57 -2.58 -8.67
CA THR D 25 -12.15 -1.48 -9.43
C THR D 25 -13.67 -1.43 -9.19
N ARG D 26 -14.24 -2.58 -8.81
CA ARG D 26 -15.67 -2.69 -8.52
C ARG D 26 -15.94 -2.22 -7.08
N GLU D 27 -15.03 -2.55 -6.17
CA GLU D 27 -15.15 -2.14 -4.77
C GLU D 27 -15.10 -0.61 -4.67
N ILE D 28 -14.39 0.02 -5.60
CA ILE D 28 -14.27 1.47 -5.63
C ILE D 28 -15.56 2.08 -6.21
N GLU D 29 -16.23 1.33 -7.08
CA GLU D 29 -17.46 1.81 -7.66
C GLU D 29 -18.48 1.85 -6.54
N GLN D 30 -18.40 0.88 -5.63
CA GLN D 30 -19.33 0.83 -4.51
C GLN D 30 -19.13 2.02 -3.61
N ILE D 31 -17.89 2.23 -3.16
CA ILE D 31 -17.62 3.34 -2.27
C ILE D 31 -17.97 4.71 -2.83
N GLU D 32 -17.77 4.94 -4.12
CA GLU D 32 -18.16 6.26 -4.53
C GLU D 32 -19.61 6.33 -4.93
N LEU D 33 -20.28 5.19 -4.87
CA LEU D 33 -21.70 5.15 -5.14
C LEU D 33 -22.32 5.31 -3.76
N LEU D 34 -21.51 5.14 -2.72
CA LEU D 34 -21.98 5.30 -1.35
C LEU D 34 -21.75 6.70 -0.81
N LYS D 35 -20.60 7.31 -1.13
CA LYS D 35 -20.35 8.68 -0.69
C LYS D 35 -21.32 9.52 -1.51
N ARG D 36 -21.63 9.04 -2.72
CA ARG D 36 -22.59 9.69 -3.60
C ARG D 36 -23.98 9.37 -3.07
N ILE D 37 -24.02 9.01 -1.79
CA ILE D 37 -25.26 8.66 -1.08
C ILE D 37 -25.24 9.20 0.35
N HIS D 38 -24.08 9.16 1.01
CA HIS D 38 -23.97 9.68 2.38
C HIS D 38 -24.22 11.17 2.41
N ASP D 39 -23.31 11.90 1.78
CA ASP D 39 -23.37 13.35 1.69
C ASP D 39 -24.78 13.72 1.27
N ASN D 40 -25.50 12.80 0.63
CA ASN D 40 -26.90 13.04 0.25
C ASN D 40 -27.84 13.07 1.47
N LEU D 41 -27.45 13.86 2.47
CA LEU D 41 -28.15 14.04 3.74
C LEU D 41 -27.60 15.30 4.44
N MET E 1 7.69 -37.91 -6.15
CA MET E 1 6.33 -37.30 -6.18
C MET E 1 6.34 -35.85 -5.74
N ILE E 2 7.23 -35.08 -6.35
CA ILE E 2 7.34 -33.65 -6.06
C ILE E 2 6.76 -32.83 -7.22
N GLU E 3 7.21 -33.12 -8.45
CA GLU E 3 6.71 -32.43 -9.64
C GLU E 3 5.20 -32.66 -9.69
N GLN E 4 4.77 -33.80 -9.13
CA GLN E 4 3.37 -34.18 -9.09
C GLN E 4 2.62 -33.45 -7.98
N GLN E 5 3.35 -33.02 -6.95
CA GLN E 5 2.68 -32.31 -5.87
C GLN E 5 2.32 -30.92 -6.36
N MET E 6 3.05 -30.47 -7.38
CA MET E 6 2.80 -29.17 -7.97
C MET E 6 1.55 -29.27 -8.84
N ASP E 7 1.32 -30.45 -9.40
CA ASP E 7 0.16 -30.65 -10.26
C ASP E 7 -1.13 -30.47 -9.49
N ARG E 8 -1.04 -30.39 -8.18
CA ARG E 8 -2.24 -30.17 -7.38
C ARG E 8 -2.30 -28.70 -7.13
N ILE E 9 -1.12 -28.10 -7.01
CA ILE E 9 -1.06 -26.67 -6.77
C ILE E 9 -1.74 -25.99 -7.96
N VAL E 10 -1.26 -26.29 -9.16
CA VAL E 10 -1.84 -25.70 -10.34
C VAL E 10 -3.34 -25.97 -10.39
N LYS E 11 -3.77 -27.13 -9.90
CA LYS E 11 -5.19 -27.45 -9.92
C LYS E 11 -5.96 -26.50 -9.04
N GLU E 12 -5.38 -26.20 -7.88
CA GLU E 12 -6.02 -25.33 -6.91
C GLU E 12 -5.82 -23.85 -7.09
N MET E 13 -4.72 -23.45 -7.69
CA MET E 13 -4.52 -22.05 -7.94
C MET E 13 -5.61 -21.64 -8.92
N ARG E 14 -5.99 -22.60 -9.77
CA ARG E 14 -7.02 -22.42 -10.78
C ARG E 14 -8.40 -22.59 -10.18
N ARG E 15 -8.49 -23.37 -9.10
CA ARG E 15 -9.78 -23.58 -8.42
C ARG E 15 -10.10 -22.30 -7.65
N GLN E 16 -9.15 -21.90 -6.80
CA GLN E 16 -9.26 -20.67 -6.03
C GLN E 16 -9.63 -19.52 -6.98
N LEU E 17 -8.77 -19.29 -7.96
CA LEU E 17 -8.97 -18.25 -8.97
C LEU E 17 -10.35 -18.28 -9.60
N GLU E 18 -10.96 -19.46 -9.71
CA GLU E 18 -12.28 -19.57 -10.30
C GLU E 18 -13.36 -19.26 -9.27
N MET E 19 -12.94 -19.09 -8.02
CA MET E 19 -13.85 -18.76 -6.93
C MET E 19 -13.79 -17.29 -6.61
N ILE E 20 -12.64 -16.69 -6.95
CA ILE E 20 -12.39 -15.28 -6.74
C ILE E 20 -13.11 -14.57 -7.88
N ASP E 21 -13.71 -15.39 -8.74
CA ASP E 21 -14.43 -14.89 -9.90
C ASP E 21 -15.84 -14.63 -9.47
N LYS E 22 -16.40 -15.56 -8.69
CA LYS E 22 -17.77 -15.44 -8.20
C LYS E 22 -17.87 -14.33 -7.18
N LEU E 23 -16.85 -14.19 -6.34
CA LEU E 23 -16.83 -13.12 -5.36
C LEU E 23 -16.88 -11.80 -6.14
N THR E 24 -16.29 -11.81 -7.35
CA THR E 24 -16.27 -10.63 -8.23
C THR E 24 -17.59 -10.61 -8.97
N THR E 25 -18.04 -11.78 -9.39
CA THR E 25 -19.33 -11.87 -10.06
C THR E 25 -20.36 -11.20 -9.12
N ARG E 26 -20.28 -11.44 -7.82
CA ARG E 26 -21.25 -10.88 -6.86
C ARG E 26 -21.04 -9.40 -6.57
N GLU E 27 -19.77 -8.98 -6.50
CA GLU E 27 -19.45 -7.60 -6.22
C GLU E 27 -20.15 -6.64 -7.14
N ILE E 28 -20.36 -7.08 -8.37
CA ILE E 28 -21.00 -6.29 -9.40
C ILE E 28 -22.51 -6.20 -9.21
N GLU E 29 -23.11 -7.27 -8.69
CA GLU E 29 -24.54 -7.25 -8.46
C GLU E 29 -24.85 -6.14 -7.44
N GLN E 30 -24.05 -6.07 -6.40
CA GLN E 30 -24.19 -5.05 -5.37
C GLN E 30 -24.06 -3.67 -5.97
N ILE E 31 -23.00 -3.49 -6.77
CA ILE E 31 -22.73 -2.21 -7.43
C ILE E 31 -23.84 -1.84 -8.43
N GLU E 32 -24.69 -2.80 -8.78
CA GLU E 32 -25.79 -2.54 -9.70
C GLU E 32 -27.01 -2.02 -8.95
N LEU E 33 -27.44 -2.75 -7.92
CA LEU E 33 -28.58 -2.31 -7.17
C LEU E 33 -28.34 -0.93 -6.61
N LEU E 34 -27.11 -0.65 -6.19
CA LEU E 34 -26.76 0.65 -5.64
C LEU E 34 -27.00 1.74 -6.68
N LYS E 35 -26.95 1.38 -7.95
CA LYS E 35 -27.18 2.34 -9.02
C LYS E 35 -28.69 2.69 -9.11
N ARG E 36 -29.54 1.68 -8.96
CA ARG E 36 -30.99 1.85 -8.99
C ARG E 36 -31.43 2.61 -7.76
N ILE E 37 -30.77 2.30 -6.64
CA ILE E 37 -31.02 2.91 -5.34
C ILE E 37 -30.65 4.39 -5.39
N HIS E 38 -29.61 4.69 -6.16
CA HIS E 38 -29.13 6.04 -6.32
C HIS E 38 -30.17 6.97 -6.95
N ASP E 39 -30.64 6.55 -8.13
CA ASP E 39 -31.65 7.24 -8.92
C ASP E 39 -32.87 7.85 -8.20
N ASN E 40 -33.44 7.16 -7.19
CA ASN E 40 -34.57 7.74 -6.45
C ASN E 40 -33.95 8.86 -5.62
N LEU E 41 -33.16 9.70 -6.32
CA LEU E 41 -32.45 10.89 -5.77
C LEU E 41 -33.54 11.93 -5.55
N ILE E 42 -34.49 12.01 -6.50
CA ILE E 42 -35.64 12.92 -6.39
C ILE E 42 -37.00 12.21 -6.50
N THR E 43 -37.37 11.43 -5.48
CA THR E 43 -38.64 10.70 -5.49
C THR E 43 -39.12 10.48 -4.04
N MET F 1 -8.15 34.07 -4.68
CA MET F 1 -8.21 34.64 -3.30
C MET F 1 -7.55 33.70 -2.34
N ILE F 2 -7.48 34.10 -1.08
CA ILE F 2 -6.85 33.27 -0.06
C ILE F 2 -7.44 31.85 0.04
N GLU F 3 -8.67 31.65 -0.43
CA GLU F 3 -9.29 30.33 -0.37
C GLU F 3 -8.97 29.53 -1.59
N GLN F 4 -8.50 30.19 -2.63
CA GLN F 4 -8.17 29.48 -3.84
C GLN F 4 -6.71 29.10 -3.85
N GLN F 5 -6.03 29.46 -2.76
CA GLN F 5 -4.63 29.14 -2.58
C GLN F 5 -4.68 27.89 -1.70
N MET F 6 -5.77 27.77 -0.93
CA MET F 6 -6.00 26.63 -0.05
C MET F 6 -6.24 25.32 -0.81
N ASP F 7 -6.94 25.39 -1.95
CA ASP F 7 -7.17 24.20 -2.78
C ASP F 7 -5.87 23.94 -3.51
N ARG F 8 -5.13 25.02 -3.70
CA ARG F 8 -3.84 25.01 -4.38
C ARG F 8 -2.76 24.40 -3.48
N ILE F 9 -3.00 24.44 -2.18
CA ILE F 9 -2.04 23.91 -1.21
C ILE F 9 -2.44 22.48 -0.91
N VAL F 10 -3.73 22.26 -0.74
CA VAL F 10 -4.29 20.95 -0.42
C VAL F 10 -3.89 19.92 -1.47
N LYS F 11 -3.83 20.39 -2.71
CA LYS F 11 -3.48 19.57 -3.87
C LYS F 11 -2.01 19.21 -3.91
N GLU F 12 -1.15 20.20 -3.69
CA GLU F 12 0.30 20.00 -3.66
C GLU F 12 0.64 18.87 -2.69
N MET F 13 -0.05 18.85 -1.56
CA MET F 13 0.14 17.83 -0.55
C MET F 13 -0.29 16.49 -1.13
N ARG F 14 -1.44 16.49 -1.83
CA ARG F 14 -1.99 15.29 -2.49
C ARG F 14 -1.00 14.67 -3.48
N ARG F 15 -0.43 15.52 -4.35
CA ARG F 15 0.56 15.07 -5.33
C ARG F 15 1.70 14.44 -4.55
N GLN F 16 2.31 15.25 -3.69
CA GLN F 16 3.42 14.85 -2.84
C GLN F 16 3.09 13.55 -2.10
N LEU F 17 1.87 13.45 -1.57
CA LEU F 17 1.42 12.25 -0.86
C LEU F 17 1.65 11.03 -1.73
N GLU F 18 1.21 11.14 -2.98
CA GLU F 18 1.36 10.10 -3.99
C GLU F 18 2.81 10.00 -4.43
N MET F 19 3.57 11.06 -4.18
CA MET F 19 4.98 11.11 -4.51
C MET F 19 5.73 10.21 -3.50
N ILE F 20 5.29 10.30 -2.25
CA ILE F 20 5.88 9.53 -1.17
C ILE F 20 5.40 8.11 -1.16
N ASP F 21 4.63 7.73 -2.17
CA ASP F 21 4.15 6.35 -2.24
C ASP F 21 4.97 5.68 -3.33
N LYS F 22 5.12 6.39 -4.45
CA LYS F 22 5.88 5.86 -5.56
C LYS F 22 7.27 5.54 -5.04
N LEU F 23 7.70 6.32 -4.05
CA LEU F 23 9.03 6.18 -3.44
C LEU F 23 9.12 5.01 -2.50
N THR F 24 8.08 4.87 -1.67
CA THR F 24 8.03 3.80 -0.70
C THR F 24 7.90 2.43 -1.34
N THR F 25 6.85 2.21 -2.12
CA THR F 25 6.74 0.91 -2.76
C THR F 25 8.06 0.55 -3.46
N ARG F 26 8.73 1.56 -3.99
CA ARG F 26 9.99 1.38 -4.67
C ARG F 26 11.01 0.96 -3.64
N GLU F 27 10.91 1.56 -2.47
CA GLU F 27 11.82 1.19 -1.40
C GLU F 27 11.66 -0.31 -1.04
N ILE F 28 10.42 -0.81 -1.20
CA ILE F 28 10.10 -2.22 -0.90
C ILE F 28 10.81 -3.15 -1.87
N GLU F 29 10.93 -2.74 -3.12
CA GLU F 29 11.66 -3.57 -4.10
C GLU F 29 13.12 -3.69 -3.68
N GLN F 30 13.68 -2.55 -3.32
CA GLN F 30 15.05 -2.49 -2.92
C GLN F 30 15.23 -3.46 -1.75
N ILE F 31 14.20 -3.58 -0.93
CA ILE F 31 14.31 -4.49 0.21
C ILE F 31 14.40 -5.95 -0.20
N GLU F 32 13.76 -6.33 -1.29
CA GLU F 32 13.81 -7.72 -1.75
C GLU F 32 15.18 -8.10 -2.33
N LEU F 33 15.54 -7.47 -3.44
CA LEU F 33 16.83 -7.74 -4.06
C LEU F 33 17.95 -7.70 -3.03
N LEU F 34 17.72 -7.01 -1.92
CA LEU F 34 18.70 -6.96 -0.84
C LEU F 34 18.56 -8.27 -0.08
N LYS F 35 17.36 -8.58 0.41
CA LYS F 35 17.10 -9.83 1.14
C LYS F 35 17.31 -11.04 0.23
N ARG F 36 17.43 -10.76 -1.07
CA ARG F 36 17.67 -11.77 -2.09
C ARG F 36 19.20 -11.97 -2.21
N ILE F 37 19.93 -10.87 -2.39
CA ILE F 37 21.39 -10.88 -2.47
C ILE F 37 21.95 -11.52 -1.19
N HIS F 38 21.13 -11.52 -0.13
CA HIS F 38 21.51 -12.08 1.16
C HIS F 38 21.52 -13.60 1.17
N ASP F 39 20.40 -14.22 0.81
CA ASP F 39 20.31 -15.69 0.79
C ASP F 39 21.38 -16.27 -0.13
N ASN F 40 21.95 -15.41 -0.96
CA ASN F 40 23.01 -15.79 -1.89
C ASN F 40 24.38 -15.75 -1.20
N LEU F 41 24.43 -15.16 0.00
CA LEU F 41 25.67 -15.05 0.77
C LEU F 41 25.52 -16.10 1.88
N ILE F 42 24.33 -16.65 1.95
CA ILE F 42 24.01 -17.65 2.94
C ILE F 42 24.01 -19.02 2.29
N THR F 43 24.41 -19.09 1.02
CA THR F 43 24.46 -20.35 0.26
C THR F 43 25.16 -20.21 -1.10
N MET G 1 2.27 40.75 3.29
CA MET G 1 1.12 40.29 2.47
C MET G 1 0.90 38.79 2.67
N ILE G 2 -0.25 38.45 3.27
CA ILE G 2 -0.60 37.07 3.54
C ILE G 2 -0.94 36.25 2.29
N GLU G 3 -1.62 36.85 1.32
CA GLU G 3 -1.95 36.14 0.09
C GLU G 3 -0.66 36.08 -0.70
N GLN G 4 0.39 36.72 -0.15
CA GLN G 4 1.70 36.74 -0.78
C GLN G 4 2.57 35.62 -0.22
N GLN G 5 2.37 35.29 1.07
CA GLN G 5 3.12 34.22 1.72
C GLN G 5 2.60 32.90 1.20
N MET G 6 1.31 32.91 0.92
CA MET G 6 0.64 31.74 0.38
C MET G 6 1.37 31.34 -0.88
N ASP G 7 1.70 32.33 -1.72
CA ASP G 7 2.40 32.06 -2.97
C ASP G 7 3.84 31.66 -2.64
N ARG G 8 4.21 31.80 -1.37
CA ARG G 8 5.54 31.43 -0.93
C ARG G 8 5.54 29.97 -0.49
N ILE G 9 4.46 29.57 0.18
CA ILE G 9 4.28 28.20 0.67
C ILE G 9 4.10 27.25 -0.48
N VAL G 10 3.37 27.70 -1.50
CA VAL G 10 3.09 26.91 -2.68
C VAL G 10 4.35 26.85 -3.54
N LYS G 11 5.06 27.96 -3.61
CA LYS G 11 6.28 27.99 -4.39
C LYS G 11 7.30 27.07 -3.75
N GLU G 12 7.23 26.93 -2.43
CA GLU G 12 8.15 26.06 -1.73
C GLU G 12 7.59 24.67 -1.49
N MET G 13 6.26 24.56 -1.46
CA MET G 13 5.62 23.28 -1.27
C MET G 13 5.95 22.44 -2.48
N ARG G 14 5.97 23.11 -3.62
CA ARG G 14 6.28 22.47 -4.87
C ARG G 14 7.77 22.24 -5.01
N ARG G 15 8.58 23.27 -4.73
CA ARG G 15 10.03 23.15 -4.84
C ARG G 15 10.50 21.90 -4.10
N GLN G 16 9.71 21.50 -3.10
CA GLN G 16 9.99 20.33 -2.26
C GLN G 16 9.65 19.05 -2.99
N LEU G 17 8.40 18.96 -3.44
CA LEU G 17 7.92 17.81 -4.17
C LEU G 17 8.89 17.59 -5.33
N GLU G 18 9.56 18.66 -5.76
CA GLU G 18 10.50 18.62 -6.86
C GLU G 18 11.71 17.75 -6.57
N MET G 19 12.24 17.81 -5.36
CA MET G 19 13.41 17.01 -5.03
C MET G 19 13.01 15.68 -4.42
N ILE G 20 11.77 15.56 -3.98
CA ILE G 20 11.29 14.30 -3.43
C ILE G 20 11.21 13.44 -4.69
N ASP G 21 11.03 14.13 -5.80
CA ASP G 21 10.93 13.51 -7.10
C ASP G 21 12.30 12.99 -7.43
N LYS G 22 13.25 13.90 -7.61
CA LYS G 22 14.63 13.53 -7.96
C LYS G 22 15.08 12.51 -6.93
N LEU G 23 14.59 12.63 -5.70
CA LEU G 23 14.96 11.69 -4.64
C LEU G 23 14.48 10.26 -4.92
N THR G 24 13.40 10.16 -5.69
CA THR G 24 12.83 8.87 -6.08
C THR G 24 13.66 8.31 -7.24
N THR G 25 14.07 9.18 -8.16
CA THR G 25 14.89 8.72 -9.29
C THR G 25 16.12 8.04 -8.70
N ARG G 26 16.51 8.49 -7.50
CA ARG G 26 17.66 7.96 -6.80
C ARG G 26 17.32 6.61 -6.18
N GLU G 27 16.04 6.37 -5.94
CA GLU G 27 15.65 5.09 -5.37
C GLU G 27 15.56 4.04 -6.47
N ILE G 28 15.53 4.50 -7.73
CA ILE G 28 15.45 3.59 -8.88
C ILE G 28 16.80 3.20 -9.41
N GLU G 29 17.79 4.07 -9.22
CA GLU G 29 19.10 3.73 -9.69
C GLU G 29 19.63 2.72 -8.67
N GLN G 30 19.29 2.90 -7.40
CA GLN G 30 19.72 1.99 -6.33
C GLN G 30 19.11 0.60 -6.47
N ILE G 31 17.78 0.53 -6.51
CA ILE G 31 17.09 -0.73 -6.63
C ILE G 31 17.40 -1.44 -7.93
N GLU G 32 18.05 -0.75 -8.87
CA GLU G 32 18.40 -1.36 -10.16
C GLU G 32 19.83 -1.82 -10.19
N LEU G 33 20.66 -1.15 -9.38
CA LEU G 33 22.05 -1.53 -9.27
C LEU G 33 22.14 -2.78 -8.42
N LEU G 34 21.27 -2.89 -7.41
CA LEU G 34 21.22 -4.09 -6.58
C LEU G 34 20.87 -5.26 -7.48
N LYS G 35 20.07 -5.00 -8.51
CA LYS G 35 19.70 -6.03 -9.48
C LYS G 35 20.91 -6.39 -10.37
N ARG G 36 21.54 -5.40 -10.99
CA ARG G 36 22.71 -5.66 -11.82
C ARG G 36 23.82 -6.34 -10.99
N ILE G 37 23.78 -6.18 -9.67
CA ILE G 37 24.76 -6.78 -8.76
C ILE G 37 24.45 -8.25 -8.72
N HIS G 38 23.17 -8.57 -8.50
CA HIS G 38 22.70 -9.94 -8.43
C HIS G 38 23.16 -10.69 -9.67
N ASP G 39 22.94 -10.13 -10.86
CA ASP G 39 23.37 -10.78 -12.10
C ASP G 39 24.76 -11.35 -11.93
N ASN G 40 25.55 -10.67 -11.10
CA ASN G 40 26.92 -11.07 -10.84
C ASN G 40 26.99 -12.18 -9.80
N LEU G 41 26.29 -12.00 -8.69
CA LEU G 41 26.30 -13.02 -7.65
C LEU G 41 25.68 -14.30 -8.18
N ILE G 42 25.22 -14.27 -9.43
CA ILE G 42 24.62 -15.44 -10.09
C ILE G 42 25.47 -15.96 -11.27
N THR G 43 26.04 -15.05 -12.07
CA THR G 43 26.87 -15.45 -13.20
C THR G 43 28.12 -16.16 -12.70
N ARG G 44 28.55 -15.80 -11.49
CA ARG G 44 29.73 -16.38 -10.83
C ARG G 44 29.61 -16.11 -9.33
N PRO G 45 30.57 -16.61 -8.56
CA PRO G 45 30.58 -16.40 -7.11
C PRO G 45 29.30 -16.81 -6.41
N MET H 1 0.23 36.51 16.27
CA MET H 1 -1.03 36.69 15.52
C MET H 1 -1.12 35.65 14.42
N ILE H 2 -1.71 36.01 13.29
CA ILE H 2 -1.86 35.08 12.18
C ILE H 2 -0.80 35.20 11.09
N GLU H 3 -0.27 36.42 10.93
CA GLU H 3 0.77 36.70 9.95
C GLU H 3 2.09 36.12 10.45
N GLN H 4 2.36 36.29 11.74
CA GLN H 4 3.58 35.76 12.34
C GLN H 4 3.62 34.24 12.33
N GLN H 5 2.54 33.60 12.73
CA GLN H 5 2.46 32.14 12.73
C GLN H 5 2.73 31.65 11.31
N MET H 6 2.26 32.38 10.32
CA MET H 6 2.54 32.01 8.95
C MET H 6 4.04 32.17 8.73
N ASP H 7 4.63 33.17 9.40
CA ASP H 7 6.08 33.44 9.31
C ASP H 7 6.91 32.22 9.74
N ARG H 8 6.51 31.56 10.83
CA ARG H 8 7.21 30.39 11.37
C ARG H 8 7.06 29.20 10.43
N ILE H 9 5.82 28.95 10.00
CA ILE H 9 5.53 27.86 9.08
C ILE H 9 6.41 28.01 7.87
N VAL H 10 6.89 29.23 7.64
CA VAL H 10 7.77 29.50 6.52
C VAL H 10 9.22 29.20 6.91
N LYS H 11 9.58 29.44 8.16
CA LYS H 11 10.94 29.12 8.55
C LYS H 11 10.96 27.61 8.76
N GLU H 12 9.77 27.05 8.99
CA GLU H 12 9.58 25.62 9.22
C GLU H 12 9.45 24.80 7.94
N MET H 13 9.46 25.47 6.80
CA MET H 13 9.37 24.80 5.52
C MET H 13 10.69 24.93 4.79
N ARG H 14 11.56 25.81 5.29
CA ARG H 14 12.87 25.97 4.70
C ARG H 14 13.72 24.91 5.40
N ARG H 15 13.32 24.56 6.63
CA ARG H 15 14.01 23.54 7.44
C ARG H 15 13.76 22.16 6.82
N GLN H 16 12.51 21.86 6.53
CA GLN H 16 12.13 20.60 5.88
C GLN H 16 12.84 20.50 4.52
N LEU H 17 12.94 21.63 3.83
CA LEU H 17 13.59 21.71 2.52
C LEU H 17 15.12 21.83 2.63
N GLU H 18 15.65 21.42 3.78
CA GLU H 18 17.09 21.40 4.06
C GLU H 18 17.40 19.99 4.51
N MET H 19 16.55 19.44 5.37
CA MET H 19 16.70 18.08 5.85
C MET H 19 16.37 17.14 4.69
N ILE H 20 15.86 17.75 3.61
CA ILE H 20 15.47 17.04 2.40
C ILE H 20 16.59 17.11 1.37
N ASP H 21 17.35 18.20 1.37
CA ASP H 21 18.45 18.27 0.42
C ASP H 21 19.57 17.44 1.01
N LYS H 22 19.50 17.16 2.31
CA LYS H 22 20.53 16.35 2.98
C LYS H 22 20.25 14.90 2.65
N LEU H 23 19.05 14.48 2.97
CA LEU H 23 18.60 13.13 2.70
C LEU H 23 18.99 12.74 1.28
N THR H 24 18.73 13.63 0.32
CA THR H 24 19.04 13.39 -1.09
C THR H 24 20.53 13.32 -1.40
N THR H 25 21.34 13.95 -0.56
CA THR H 25 22.79 13.94 -0.78
C THR H 25 23.24 12.54 -0.41
N ARG H 26 22.67 12.00 0.67
CA ARG H 26 23.04 10.65 1.12
C ARG H 26 22.61 9.59 0.12
N GLU H 27 21.51 9.83 -0.59
CA GLU H 27 21.01 8.87 -1.57
C GLU H 27 21.97 8.70 -2.75
N ILE H 28 22.26 9.82 -3.40
CA ILE H 28 23.16 9.77 -4.56
C ILE H 28 24.52 9.36 -4.06
N GLU H 29 24.67 9.29 -2.76
CA GLU H 29 25.96 8.94 -2.25
C GLU H 29 26.00 7.43 -2.20
N GLN H 30 24.84 6.81 -1.90
CA GLN H 30 24.78 5.34 -1.86
C GLN H 30 24.95 4.82 -3.27
N ILE H 31 24.18 5.38 -4.21
CA ILE H 31 24.28 4.99 -5.61
C ILE H 31 25.71 5.05 -6.15
N GLU H 32 26.61 5.70 -5.42
CA GLU H 32 28.00 5.81 -5.86
C GLU H 32 28.83 4.74 -5.20
N LEU H 33 28.29 4.11 -4.17
CA LEU H 33 28.99 3.03 -3.49
C LEU H 33 28.65 1.78 -4.28
N LEU H 34 27.40 1.70 -4.70
CA LEU H 34 26.95 0.58 -5.51
C LEU H 34 27.55 0.64 -6.93
N LYS H 35 27.62 1.83 -7.52
CA LYS H 35 28.19 1.96 -8.85
C LYS H 35 29.64 1.54 -8.77
N ARG H 36 30.17 1.55 -7.55
CA ARG H 36 31.55 1.16 -7.30
C ARG H 36 31.60 -0.30 -6.86
N ILE H 37 30.84 -0.64 -5.81
CA ILE H 37 30.79 -2.02 -5.32
C ILE H 37 30.64 -2.93 -6.52
N HIS H 38 29.68 -2.55 -7.36
CA HIS H 38 29.37 -3.29 -8.58
C HIS H 38 30.55 -3.34 -9.54
N ASP H 39 30.90 -2.20 -10.15
CA ASP H 39 32.03 -2.11 -11.11
C ASP H 39 33.24 -2.91 -10.67
N ASN H 40 33.32 -3.17 -9.35
CA ASN H 40 34.41 -3.94 -8.76
C ASN H 40 34.00 -5.40 -8.66
N LEU H 41 32.70 -5.65 -8.66
CA LEU H 41 32.18 -7.01 -8.65
C LEU H 41 32.32 -7.53 -10.10
N ILE H 42 32.00 -6.65 -11.04
CA ILE H 42 32.04 -6.94 -12.45
C ILE H 42 33.48 -7.15 -12.97
N THR H 43 34.44 -6.36 -12.46
CA THR H 43 35.84 -6.46 -12.89
C THR H 43 36.47 -7.75 -12.42
N ARG H 44 36.57 -7.90 -11.11
CA ARG H 44 37.13 -9.11 -10.52
C ARG H 44 36.24 -10.23 -11.04
N ILE I 2 -9.35 30.81 14.59
CA ILE I 2 -8.74 30.20 13.38
C ILE I 2 -7.20 30.15 13.51
N GLU I 3 -6.69 30.87 14.52
CA GLU I 3 -5.25 30.92 14.84
C GLU I 3 -4.86 29.55 15.44
N GLN I 4 -5.83 28.93 16.12
CA GLN I 4 -5.63 27.63 16.75
C GLN I 4 -5.25 26.56 15.73
N GLN I 5 -5.92 26.57 14.59
CA GLN I 5 -5.65 25.62 13.52
C GLN I 5 -4.37 26.03 12.84
N MET I 6 -3.65 26.94 13.49
CA MET I 6 -2.38 27.42 12.98
C MET I 6 -1.30 26.83 13.87
N ASP I 7 -1.51 26.92 15.17
CA ASP I 7 -0.56 26.40 16.15
C ASP I 7 -0.58 24.88 16.12
N ARG I 8 -1.53 24.33 15.37
CA ARG I 8 -1.65 22.89 15.22
C ARG I 8 -0.93 22.47 13.93
N ILE I 9 -0.99 23.33 12.89
CA ILE I 9 -0.31 23.02 11.63
C ILE I 9 1.18 23.23 11.77
N VAL I 10 1.58 24.00 12.78
CA VAL I 10 3.00 24.25 13.05
C VAL I 10 3.60 23.10 13.88
N LYS I 11 2.75 22.43 14.66
CA LYS I 11 3.15 21.32 15.50
C LYS I 11 3.36 20.08 14.63
N GLU I 12 2.39 19.75 13.76
CA GLU I 12 2.49 18.57 12.91
C GLU I 12 3.53 18.80 11.83
N MET I 13 3.90 20.06 11.63
CA MET I 13 4.92 20.38 10.65
C MET I 13 6.28 19.97 11.21
N ARG I 14 6.40 20.03 12.54
CA ARG I 14 7.61 19.66 13.24
C ARG I 14 7.57 18.13 13.44
N ARG I 15 6.38 17.60 13.70
CA ARG I 15 6.23 16.15 13.87
C ARG I 15 6.81 15.45 12.65
N GLN I 16 6.81 16.15 11.52
CA GLN I 16 7.36 15.59 10.29
C GLN I 16 8.86 15.74 10.34
N LEU I 17 9.32 16.96 10.67
CA LEU I 17 10.75 17.25 10.75
C LEU I 17 11.50 16.26 11.64
N GLU I 18 11.22 16.28 12.93
CA GLU I 18 11.89 15.36 13.84
C GLU I 18 11.59 13.92 13.43
N MET I 19 10.61 13.74 12.56
CA MET I 19 10.23 12.42 12.08
C MET I 19 11.04 12.06 10.84
N ILE I 20 11.62 13.08 10.24
CA ILE I 20 12.44 12.90 9.05
C ILE I 20 13.89 13.16 9.46
N ASP I 21 14.10 13.27 10.76
CA ASP I 21 15.44 13.49 11.26
C ASP I 21 15.97 12.13 11.66
N LYS I 22 15.05 11.24 12.01
CA LYS I 22 15.38 9.88 12.42
C LYS I 22 15.52 9.03 11.17
N LEU I 23 14.89 9.49 10.10
CA LEU I 23 14.93 8.81 8.82
C LEU I 23 16.24 9.07 8.08
N THR I 24 16.84 10.24 8.30
CA THR I 24 18.10 10.58 7.65
C THR I 24 19.25 9.96 8.43
N THR I 25 18.96 9.54 9.66
CA THR I 25 19.96 8.87 10.48
C THR I 25 20.09 7.45 9.94
N ARG I 26 18.99 6.92 9.41
CA ARG I 26 18.96 5.58 8.81
C ARG I 26 19.54 5.65 7.41
N GLU I 27 19.63 6.85 6.88
CA GLU I 27 20.18 7.03 5.55
C GLU I 27 21.70 7.07 5.64
N ILE I 28 22.20 7.62 6.75
CA ILE I 28 23.65 7.71 6.97
C ILE I 28 24.21 6.39 7.48
N GLU I 29 23.36 5.54 8.07
CA GLU I 29 23.83 4.25 8.54
C GLU I 29 24.10 3.39 7.31
N GLN I 30 23.17 3.37 6.38
CA GLN I 30 23.31 2.59 5.15
C GLN I 30 24.53 3.04 4.39
N ILE I 31 24.71 4.35 4.23
CA ILE I 31 25.85 4.88 3.49
C ILE I 31 27.18 4.44 4.10
N GLU I 32 27.18 4.10 5.39
CA GLU I 32 28.41 3.64 6.02
C GLU I 32 28.55 2.15 5.81
N LEU I 33 27.51 1.40 6.15
CA LEU I 33 27.51 -0.06 5.96
C LEU I 33 27.93 -0.40 4.53
N LEU I 34 27.51 0.41 3.57
CA LEU I 34 27.88 0.20 2.16
C LEU I 34 29.38 0.43 2.00
N LYS I 35 29.91 1.41 2.72
CA LYS I 35 31.34 1.69 2.65
C LYS I 35 32.11 0.55 3.35
N ARG I 36 31.66 0.13 4.53
CA ARG I 36 32.29 -0.95 5.29
C ARG I 36 32.22 -2.29 4.54
N ILE I 37 31.13 -2.51 3.79
CA ILE I 37 30.93 -3.72 2.97
C ILE I 37 31.77 -3.58 1.72
N HIS I 38 31.55 -2.48 0.99
CA HIS I 38 32.32 -2.24 -0.21
C HIS I 38 33.77 -2.52 0.10
N ASP I 39 34.36 -1.72 1.00
CA ASP I 39 35.76 -1.85 1.40
C ASP I 39 36.22 -3.30 1.60
N ASN I 40 35.28 -4.19 1.88
CA ASN I 40 35.56 -5.61 2.09
C ASN I 40 35.72 -6.26 0.72
N LEU I 41 36.73 -5.81 -0.02
CA LEU I 41 37.02 -6.32 -1.36
C LEU I 41 37.96 -5.33 -2.03
N MET J 1 -15.71 26.27 4.24
CA MET J 1 -15.10 27.47 4.87
C MET J 1 -13.60 27.47 4.67
N ILE J 2 -12.93 28.53 5.15
CA ILE J 2 -11.49 28.66 5.05
C ILE J 2 -10.86 27.77 6.11
N GLU J 3 -11.62 27.61 7.19
CA GLU J 3 -11.24 26.77 8.32
C GLU J 3 -11.38 25.28 7.95
N GLN J 4 -12.27 24.99 7.00
CA GLN J 4 -12.48 23.62 6.54
C GLN J 4 -11.34 23.16 5.66
N GLN J 5 -10.68 24.12 5.01
CA GLN J 5 -9.54 23.86 4.13
C GLN J 5 -8.30 23.69 5.01
N MET J 6 -8.45 24.03 6.29
CA MET J 6 -7.39 23.89 7.27
C MET J 6 -7.30 22.42 7.67
N ASP J 7 -8.46 21.83 7.95
CA ASP J 7 -8.55 20.43 8.33
C ASP J 7 -8.20 19.55 7.15
N ARG J 8 -8.46 20.03 5.94
CA ARG J 8 -8.13 19.26 4.75
C ARG J 8 -6.62 19.31 4.59
N ILE J 9 -5.98 20.09 5.45
CA ILE J 9 -4.52 20.21 5.44
C ILE J 9 -3.96 19.34 6.55
N VAL J 10 -4.49 19.50 7.75
CA VAL J 10 -4.03 18.69 8.89
C VAL J 10 -4.26 17.22 8.55
N LYS J 11 -5.32 16.95 7.81
CA LYS J 11 -5.63 15.58 7.40
C LYS J 11 -4.55 15.13 6.46
N GLU J 12 -4.26 15.96 5.46
CA GLU J 12 -3.25 15.67 4.46
C GLU J 12 -1.82 15.68 4.99
N MET J 13 -1.65 16.16 6.22
CA MET J 13 -0.33 16.21 6.85
C MET J 13 -0.07 14.93 7.63
N ARG J 14 -1.10 14.42 8.27
CA ARG J 14 -0.95 13.19 9.04
C ARG J 14 -0.80 12.04 8.05
N ARG J 15 -1.44 12.15 6.88
CA ARG J 15 -1.35 11.12 5.86
C ARG J 15 0.04 11.14 5.22
N GLN J 16 0.85 12.09 5.69
CA GLN J 16 2.23 12.30 5.24
C GLN J 16 3.17 11.79 6.33
N LEU J 17 2.73 11.90 7.58
CA LEU J 17 3.52 11.43 8.71
C LEU J 17 3.44 9.90 8.71
N GLU J 18 2.27 9.38 8.34
CA GLU J 18 2.07 7.95 8.30
C GLU J 18 2.90 7.39 7.16
N MET J 19 2.84 8.04 6.00
CA MET J 19 3.59 7.56 4.84
C MET J 19 5.09 7.64 5.08
N ILE J 20 5.52 8.67 5.81
CA ILE J 20 6.94 8.89 6.15
C ILE J 20 7.38 7.86 7.16
N ASP J 21 6.45 7.49 8.02
CA ASP J 21 6.70 6.50 9.05
C ASP J 21 6.97 5.13 8.44
N LYS J 22 6.05 4.67 7.59
CA LYS J 22 6.20 3.38 6.90
C LYS J 22 7.48 3.42 6.12
N LEU J 23 7.77 4.59 5.57
CA LEU J 23 8.99 4.74 4.82
C LEU J 23 10.17 4.41 5.75
N THR J 24 10.10 4.91 6.99
CA THR J 24 11.14 4.68 8.00
C THR J 24 11.27 3.21 8.39
N THR J 25 10.19 2.44 8.22
CA THR J 25 10.23 1.02 8.52
C THR J 25 10.98 0.35 7.37
N ARG J 26 10.76 0.82 6.15
CA ARG J 26 11.45 0.26 4.99
C ARG J 26 12.95 0.53 5.15
N GLU J 27 13.27 1.67 5.76
CA GLU J 27 14.66 2.08 5.97
C GLU J 27 15.43 1.18 6.91
N ILE J 28 14.80 0.83 8.03
CA ILE J 28 15.42 -0.04 9.02
C ILE J 28 15.62 -1.46 8.50
N GLU J 29 14.78 -1.89 7.56
CA GLU J 29 14.89 -3.21 6.97
C GLU J 29 16.17 -3.27 6.13
N GLN J 30 16.41 -2.25 5.31
CA GLN J 30 17.61 -2.20 4.46
C GLN J 30 18.87 -2.16 5.31
N ILE J 31 18.79 -1.44 6.42
CA ILE J 31 19.89 -1.32 7.37
C ILE J 31 20.20 -2.67 8.02
N GLU J 32 19.20 -3.31 8.60
CA GLU J 32 19.44 -4.59 9.27
C GLU J 32 20.02 -5.49 8.23
N LEU J 33 19.45 -5.50 7.04
CA LEU J 33 20.00 -6.40 6.04
C LEU J 33 21.41 -6.06 5.63
N LEU J 34 21.65 -4.87 5.08
CA LEU J 34 23.01 -4.47 4.67
C LEU J 34 23.96 -4.79 5.82
N LYS J 35 23.42 -4.85 7.03
CA LYS J 35 24.22 -5.16 8.21
C LYS J 35 24.54 -6.64 8.18
N ARG J 36 23.60 -7.43 7.68
CA ARG J 36 23.78 -8.87 7.58
C ARG J 36 24.60 -9.16 6.37
N ILE J 37 24.30 -8.46 5.28
CA ILE J 37 25.08 -8.67 4.08
C ILE J 37 26.50 -8.42 4.53
N HIS J 38 26.72 -7.32 5.24
CA HIS J 38 28.05 -6.98 5.74
C HIS J 38 28.68 -8.02 6.67
N ASP J 39 27.92 -8.42 7.70
CA ASP J 39 28.38 -9.38 8.68
C ASP J 39 28.38 -10.82 8.24
N ASN J 40 28.13 -11.04 6.95
CA ASN J 40 28.13 -12.37 6.34
C ASN J 40 29.33 -12.39 5.40
N LEU J 41 29.65 -11.22 4.86
CA LEU J 41 30.79 -11.08 3.97
C LEU J 41 32.04 -11.11 4.82
N ILE J 42 31.87 -11.37 6.12
CA ILE J 42 32.99 -11.44 7.05
C ILE J 42 32.95 -12.74 7.84
#